data_4TOY
#
_entry.id   4TOY
#
_cell.length_a   57.183
_cell.length_b   57.183
_cell.length_c   267.677
_cell.angle_alpha   90.00
_cell.angle_beta   90.00
_cell.angle_gamma   90.00
#
_symmetry.space_group_name_H-M   'P 41 21 2'
#
loop_
_entity.id
_entity.type
_entity.pdbx_description
1 polymer '35O22 Fab Heavy chain'
2 polymer '35O22 Fab Light chain'
3 water water
#
loop_
_entity_poly.entity_id
_entity_poly.type
_entity_poly.pdbx_seq_one_letter_code
_entity_poly.pdbx_strand_id
1 'polypeptide(L)'
;(PCA)GQLVQSGAELKKPGASVKISCKTSGYRFNFYHINWIRQTAGRGPEWMGWISPYSGDKNLAPAFQDRVIMTTDTEV
PVTSFTSTGAAYMEIRNLKFDDTGTYFCAKGLLRDGSSTWLPYLWGQGTLLTVSSASTKGPSVFPLAPSSKSTSGGTAAL
GCLVKDYFPEPVTVSWNSGALTSGVHTFPAVLQSSGLYSLSSVVTVPSSSLGTQTYICNVNHKPSNTKVDKRVEPKSCDK
GLEVLFQ
;
H
2 'polypeptide(L)'
;QSVLTQSASVSGSLGQSVTISCTGPNSVCCSHKSISWYQWPPGRAPTLIIYEDNERAPGISPRFSGYKSYWSAYLTISDL
RPEDETTYYCCSYTHNSGCVFGTGTKVSVLGQSKANPSVTLFPPSSEELQANKATLVCLISDFYPGAVTVAWKADSSPVK
AGVETTTPSKQSNNKYAASSYLSLTPEQWKSHRSYSCQVTHEGSTVEKTVAPTECS
;
L
#
# COMPACT_ATOMS: atom_id res chain seq x y z
N PCA A 1 -11.05 17.71 -12.32
CA PCA A 1 -10.83 16.42 -11.70
CB PCA A 1 -11.31 16.42 -10.25
CG PCA A 1 -12.16 17.67 -10.10
CD PCA A 1 -11.87 18.43 -11.35
OE PCA A 1 -12.27 19.58 -11.51
C PCA A 1 -11.58 15.35 -12.47
O PCA A 1 -11.46 15.28 -13.70
N GLY A 2 -12.35 14.54 -11.76
CA GLY A 2 -13.26 13.44 -11.99
C GLY A 2 -12.81 12.16 -11.30
N GLN A 3 -13.19 11.04 -11.88
CA GLN A 3 -12.96 9.74 -11.27
C GLN A 3 -12.57 8.71 -12.34
N LEU A 4 -11.50 7.99 -12.07
CA LEU A 4 -11.16 6.78 -12.82
C LEU A 4 -11.31 5.60 -11.88
N VAL A 5 -12.28 4.73 -12.18
CA VAL A 5 -12.56 3.57 -11.33
C VAL A 5 -12.23 2.29 -12.08
N GLN A 6 -11.24 1.56 -11.56
CA GLN A 6 -10.75 0.36 -12.20
C GLN A 6 -11.43 -0.90 -11.70
N SER A 7 -11.37 -1.95 -12.51
CA SER A 7 -11.95 -3.24 -12.14
C SER A 7 -11.14 -3.87 -11.02
N GLY A 8 -11.71 -4.91 -10.41
CA GLY A 8 -11.13 -5.50 -9.22
C GLY A 8 -9.92 -6.38 -9.45
N ALA A 9 -9.29 -6.76 -8.34
CA ALA A 9 -8.11 -7.61 -8.34
C ALA A 9 -8.40 -8.94 -9.05
N GLU A 10 -7.37 -9.48 -9.69
CA GLU A 10 -7.51 -10.73 -10.41
C GLU A 10 -6.33 -11.68 -10.19
N LEU A 11 -6.65 -12.97 -10.16
CA LEU A 11 -5.68 -14.04 -10.15
C LEU A 11 -5.72 -14.74 -11.50
N LYS A 12 -4.57 -14.86 -12.14
CA LYS A 12 -4.45 -15.53 -13.44
C LYS A 12 -3.33 -16.54 -13.43
N LYS A 13 -3.49 -17.59 -14.23
CA LYS A 13 -2.45 -18.59 -14.38
C LYS A 13 -1.47 -18.16 -15.46
N PRO A 14 -0.23 -18.68 -15.39
CA PRO A 14 0.71 -18.34 -16.47
C PRO A 14 0.16 -18.78 -17.83
N GLY A 15 0.38 -17.95 -18.83
CA GLY A 15 -0.07 -18.22 -20.18
C GLY A 15 -1.41 -17.57 -20.48
N ALA A 16 -2.13 -17.19 -19.42
CA ALA A 16 -3.46 -16.60 -19.57
C ALA A 16 -3.41 -15.13 -19.99
N SER A 17 -4.58 -14.58 -20.26
CA SER A 17 -4.74 -13.16 -20.55
CA SER A 17 -4.74 -13.16 -20.55
C SER A 17 -5.68 -12.55 -19.54
N VAL A 18 -5.63 -11.23 -19.41
CA VAL A 18 -6.55 -10.52 -18.52
C VAL A 18 -6.90 -9.19 -19.16
N LYS A 19 -8.15 -8.78 -19.01
CA LYS A 19 -8.60 -7.49 -19.51
C LYS A 19 -9.07 -6.65 -18.33
N ILE A 20 -8.37 -5.55 -18.09
CA ILE A 20 -8.66 -4.63 -16.99
C ILE A 20 -9.45 -3.44 -17.54
N SER A 21 -10.47 -3.00 -16.79
CA SER A 21 -11.29 -1.87 -17.22
C SER A 21 -11.03 -0.63 -16.36
N CYS A 22 -11.34 0.52 -16.94
CA CYS A 22 -11.11 1.82 -16.32
C CYS A 22 -12.31 2.69 -16.71
N LYS A 23 -13.26 2.83 -15.79
CA LYS A 23 -14.49 3.59 -16.04
C LYS A 23 -14.35 5.01 -15.53
N THR A 24 -14.77 5.96 -16.35
CA THR A 24 -14.49 7.38 -16.11
C THR A 24 -15.75 8.20 -15.90
N SER A 25 -15.62 9.29 -15.16
CA SER A 25 -16.70 10.24 -14.96
C SER A 25 -16.14 11.56 -14.44
N GLY A 26 -16.96 12.60 -14.47
CA GLY A 26 -16.59 13.88 -13.88
C GLY A 26 -15.80 14.80 -14.79
N TYR A 27 -15.57 14.37 -16.02
CA TYR A 27 -14.88 15.19 -17.02
C TYR A 27 -15.25 14.69 -18.42
N ARG A 28 -14.85 15.40 -19.46
CA ARG A 28 -15.18 14.99 -20.82
C ARG A 28 -14.18 13.95 -21.33
N PHE A 29 -14.63 12.70 -21.29
CA PHE A 29 -13.82 11.54 -21.66
C PHE A 29 -13.04 11.69 -22.97
N ASN A 30 -13.69 12.22 -24.01
CA ASN A 30 -13.10 12.21 -25.34
C ASN A 30 -11.80 13.02 -25.46
N PHE A 31 -11.59 13.97 -24.56
CA PHE A 31 -10.57 15.00 -24.78
C PHE A 31 -9.25 14.75 -24.03
N TYR A 32 -9.13 13.62 -23.36
CA TYR A 32 -7.92 13.30 -22.60
C TYR A 32 -7.38 11.90 -22.92
N HIS A 33 -6.08 11.80 -23.16
CA HIS A 33 -5.44 10.50 -23.33
C HIS A 33 -5.58 9.65 -22.07
N ILE A 34 -5.82 8.35 -22.24
CA ILE A 34 -5.77 7.40 -21.14
C ILE A 34 -4.46 6.60 -21.23
N ASN A 35 -3.68 6.64 -20.15
CA ASN A 35 -2.44 5.89 -20.02
C ASN A 35 -2.63 4.63 -19.19
N TRP A 36 -1.76 3.65 -19.42
CA TRP A 36 -1.66 2.49 -18.55
C TRP A 36 -0.23 2.39 -18.06
N ILE A 37 -0.09 2.26 -16.74
CA ILE A 37 1.19 2.20 -16.06
C ILE A 37 1.12 1.10 -15.02
N ARG A 38 2.19 0.32 -14.88
CA ARG A 38 2.20 -0.72 -13.85
C ARG A 38 3.39 -0.57 -12.92
N GLN A 39 3.30 -1.25 -11.78
CA GLN A 39 4.40 -1.38 -10.85
C GLN A 39 4.55 -2.86 -10.53
N THR A 40 5.72 -3.41 -10.81
CA THR A 40 6.05 -4.78 -10.44
C THR A 40 7.28 -4.78 -9.55
N ALA A 41 7.43 -5.83 -8.75
CA ALA A 41 8.54 -5.94 -7.82
C ALA A 41 9.87 -5.97 -8.57
N GLY A 42 9.88 -6.60 -9.74
CA GLY A 42 11.10 -6.83 -10.49
C GLY A 42 11.59 -5.65 -11.31
N ARG A 43 10.67 -4.80 -11.78
CA ARG A 43 11.04 -3.74 -12.73
C ARG A 43 10.69 -2.32 -12.27
N GLY A 44 9.97 -2.20 -11.17
CA GLY A 44 9.56 -0.90 -10.68
C GLY A 44 8.48 -0.29 -11.56
N PRO A 45 8.32 1.04 -11.53
CA PRO A 45 7.25 1.63 -12.33
C PRO A 45 7.54 1.56 -13.82
N GLU A 46 6.53 1.22 -14.61
CA GLU A 46 6.70 0.99 -16.03
C GLU A 46 5.48 1.50 -16.80
N TRP A 47 5.69 2.53 -17.61
CA TRP A 47 4.64 3.04 -18.49
C TRP A 47 4.42 2.07 -19.65
N MET A 48 3.15 1.73 -19.91
CA MET A 48 2.84 0.69 -20.89
C MET A 48 2.36 1.27 -22.21
N GLY A 49 1.53 2.31 -22.16
CA GLY A 49 1.04 2.93 -23.37
C GLY A 49 -0.06 3.94 -23.09
N TRP A 50 -0.48 4.65 -24.13
CA TRP A 50 -1.71 5.43 -24.03
C TRP A 50 -2.56 5.26 -25.27
N ILE A 51 -3.83 5.65 -25.12
CA ILE A 51 -4.78 5.66 -26.22
C ILE A 51 -5.58 6.95 -26.15
N SER A 52 -5.90 7.48 -27.34
CA SER A 52 -6.79 8.64 -27.46
C SER A 52 -8.23 8.19 -27.65
N PRO A 53 -9.11 8.51 -26.70
CA PRO A 53 -10.51 8.13 -26.86
C PRO A 53 -11.17 8.69 -28.13
N TYR A 54 -10.76 9.87 -28.56
CA TYR A 54 -11.42 10.51 -29.70
C TYR A 54 -11.08 9.85 -31.04
N SER A 55 -9.81 9.51 -31.24
CA SER A 55 -9.33 9.03 -32.53
C SER A 55 -9.03 7.55 -32.56
N GLY A 56 -8.71 7.00 -31.39
CA GLY A 56 -8.22 5.63 -31.32
C GLY A 56 -6.72 5.53 -31.55
N ASP A 57 -6.06 6.68 -31.66
CA ASP A 57 -4.60 6.71 -31.78
C ASP A 57 -3.98 6.06 -30.55
N LYS A 58 -2.95 5.26 -30.77
CA LYS A 58 -2.30 4.51 -29.70
C LYS A 58 -0.79 4.70 -29.73
N ASN A 59 -0.19 4.64 -28.56
CA ASN A 59 1.26 4.63 -28.41
C ASN A 59 1.60 3.58 -27.36
N LEU A 60 2.31 2.53 -27.77
CA LEU A 60 2.70 1.44 -26.86
C LEU A 60 4.20 1.41 -26.67
N ALA A 61 4.63 1.17 -25.43
CA ALA A 61 6.05 0.95 -25.15
C ALA A 61 6.47 -0.32 -25.88
N PRO A 62 7.71 -0.35 -26.43
CA PRO A 62 8.19 -1.52 -27.16
C PRO A 62 8.01 -2.85 -26.42
N ALA A 63 8.16 -2.83 -25.10
CA ALA A 63 8.08 -4.05 -24.31
C ALA A 63 6.67 -4.66 -24.31
N PHE A 64 5.67 -3.85 -24.69
CA PHE A 64 4.27 -4.27 -24.63
C PHE A 64 3.58 -4.27 -26.00
N GLN A 65 4.33 -3.92 -27.04
CA GLN A 65 3.78 -3.75 -28.38
C GLN A 65 3.05 -4.99 -28.91
N ASP A 66 3.53 -6.17 -28.58
CA ASP A 66 3.02 -7.41 -29.16
CA ASP A 66 3.02 -7.41 -29.16
C ASP A 66 2.17 -8.22 -28.17
N ARG A 67 1.88 -7.66 -27.01
CA ARG A 67 1.11 -8.39 -26.01
C ARG A 67 0.02 -7.58 -25.31
N VAL A 68 -0.08 -6.29 -25.63
CA VAL A 68 -1.11 -5.44 -25.02
C VAL A 68 -2.04 -4.85 -26.07
N ILE A 69 -3.34 -4.93 -25.79
CA ILE A 69 -4.37 -4.33 -26.63
C ILE A 69 -5.14 -3.30 -25.82
N MET A 70 -5.07 -2.05 -26.25
CA MET A 70 -5.81 -0.96 -25.62
CA MET A 70 -5.82 -0.97 -25.61
C MET A 70 -7.03 -0.60 -26.46
N THR A 71 -8.17 -0.44 -25.79
CA THR A 71 -9.40 -0.04 -26.46
C THR A 71 -10.16 0.95 -25.58
N THR A 72 -11.11 1.66 -26.19
CA THR A 72 -12.06 2.48 -25.43
C THR A 72 -13.47 2.31 -25.99
N ASP A 73 -14.45 2.59 -25.16
CA ASP A 73 -15.83 2.68 -25.61
C ASP A 73 -16.09 4.10 -26.06
N THR A 74 -17.30 4.35 -26.54
CA THR A 74 -17.68 5.70 -26.95
C THR A 74 -18.21 6.48 -25.76
N GLU A 75 -17.88 7.77 -25.72
CA GLU A 75 -18.26 8.63 -24.62
C GLU A 75 -19.77 8.80 -24.50
N VAL A 76 -20.28 8.71 -23.28
CA VAL A 76 -21.68 8.99 -23.00
C VAL A 76 -21.83 10.39 -22.41
N PRO A 77 -22.29 11.34 -23.23
CA PRO A 77 -22.43 12.75 -22.82
C PRO A 77 -23.36 12.90 -21.61
N VAL A 78 -22.95 13.74 -20.66
CA VAL A 78 -23.80 14.08 -19.52
C VAL A 78 -24.08 15.59 -19.51
N THR A 79 -23.03 16.37 -19.30
CA THR A 79 -23.13 17.82 -19.35
C THR A 79 -22.06 18.36 -20.28
N SER A 80 -22.01 19.68 -20.44
CA SER A 80 -21.02 20.31 -21.29
C SER A 80 -19.60 19.99 -20.80
N PHE A 81 -19.45 19.90 -19.49
CA PHE A 81 -18.14 19.71 -18.86
C PHE A 81 -17.85 18.26 -18.46
N THR A 82 -18.85 17.38 -18.51
CA THR A 82 -18.67 16.01 -18.05
C THR A 82 -19.33 14.96 -18.92
N SER A 83 -18.76 13.76 -18.88
CA SER A 83 -19.30 12.59 -19.57
C SER A 83 -18.77 11.34 -18.88
N THR A 84 -19.30 10.19 -19.26
CA THR A 84 -18.76 8.92 -18.79
C THR A 84 -18.15 8.16 -19.95
N GLY A 85 -17.11 7.38 -19.65
CA GLY A 85 -16.43 6.60 -20.66
C GLY A 85 -15.85 5.35 -20.04
N ALA A 86 -15.15 4.58 -20.86
CA ALA A 86 -14.46 3.41 -20.38
C ALA A 86 -13.29 3.10 -21.29
N ALA A 87 -12.17 2.72 -20.67
CA ALA A 87 -10.99 2.26 -21.36
C ALA A 87 -10.62 0.87 -20.86
N TYR A 88 -10.00 0.07 -21.73
CA TYR A 88 -9.61 -1.28 -21.38
C TYR A 88 -8.21 -1.57 -21.81
N MET A 89 -7.55 -2.43 -21.04
CA MET A 89 -6.22 -2.90 -21.36
CA MET A 89 -6.22 -2.91 -21.37
C MET A 89 -6.20 -4.42 -21.21
N GLU A 90 -5.94 -5.10 -22.32
CA GLU A 90 -5.82 -6.54 -22.33
C GLU A 90 -4.35 -6.92 -22.51
N ILE A 91 -3.83 -7.70 -21.57
CA ILE A 91 -2.46 -8.16 -21.64
C ILE A 91 -2.44 -9.69 -21.73
N ARG A 92 -1.66 -10.21 -22.66
CA ARG A 92 -1.66 -11.64 -22.97
C ARG A 92 -0.35 -12.31 -22.58
N ASN A 93 -0.34 -13.64 -22.61
CA ASN A 93 0.85 -14.43 -22.32
C ASN A 93 1.44 -14.09 -20.97
N LEU A 94 0.60 -14.07 -19.93
CA LEU A 94 1.04 -13.66 -18.61
C LEU A 94 2.08 -14.60 -18.02
N LYS A 95 3.01 -14.00 -17.28
CA LYS A 95 4.04 -14.75 -16.56
C LYS A 95 4.15 -14.20 -15.15
N PHE A 96 4.89 -14.88 -14.29
CA PHE A 96 4.95 -14.50 -12.89
C PHE A 96 5.45 -13.07 -12.69
N ASP A 97 6.31 -12.58 -13.57
CA ASP A 97 6.88 -11.25 -13.41
C ASP A 97 5.92 -10.13 -13.83
N ASP A 98 4.73 -10.51 -14.29
CA ASP A 98 3.67 -9.54 -14.59
C ASP A 98 2.83 -9.24 -13.35
N THR A 99 3.07 -9.98 -12.27
CA THR A 99 2.40 -9.72 -11.00
C THR A 99 2.71 -8.31 -10.54
N GLY A 100 1.67 -7.55 -10.19
CA GLY A 100 1.86 -6.21 -9.72
C GLY A 100 0.60 -5.38 -9.78
N THR A 101 0.76 -4.07 -9.66
CA THR A 101 -0.37 -3.15 -9.64
C THR A 101 -0.43 -2.39 -10.96
N TYR A 102 -1.61 -2.39 -11.57
CA TYR A 102 -1.83 -1.77 -12.86
C TYR A 102 -2.74 -0.58 -12.69
N PHE A 103 -2.32 0.55 -13.24
CA PHE A 103 -3.04 1.82 -13.13
C PHE A 103 -3.46 2.33 -14.49
N CYS A 104 -4.65 2.93 -14.56
CA CYS A 104 -4.97 3.79 -15.69
C CYS A 104 -4.84 5.23 -15.19
N ALA A 105 -4.52 6.16 -16.10
CA ALA A 105 -4.36 7.55 -15.72
C ALA A 105 -4.61 8.49 -16.88
N LYS A 106 -5.30 9.58 -16.57
CA LYS A 106 -5.72 10.58 -17.55
C LYS A 106 -4.63 11.64 -17.72
N GLY A 107 -4.42 12.08 -18.95
CA GLY A 107 -3.34 13.02 -19.27
C GLY A 107 -3.57 14.46 -18.84
N LEU A 108 -2.47 15.17 -18.62
CA LEU A 108 -2.48 16.59 -18.26
C LEU A 108 -2.42 17.49 -19.51
N LEU A 109 -3.56 18.08 -19.87
CA LEU A 109 -3.61 18.98 -21.04
C LEU A 109 -2.73 20.21 -20.90
N ARG A 110 -2.51 20.65 -19.67
CA ARG A 110 -1.68 21.81 -19.37
C ARG A 110 -0.22 21.58 -19.77
N ASP A 111 0.17 20.31 -19.93
CA ASP A 111 1.48 19.98 -20.49
C ASP A 111 1.35 20.05 -22.02
N GLY A 112 1.60 21.22 -22.57
CA GLY A 112 1.28 21.51 -23.95
C GLY A 112 1.99 20.69 -25.00
N SER A 113 3.22 20.25 -24.72
CA SER A 113 3.98 19.46 -25.68
C SER A 113 3.80 17.95 -25.47
N SER A 114 3.26 17.57 -24.31
CA SER A 114 2.93 16.17 -24.01
C SER A 114 1.64 16.08 -23.20
N THR A 115 0.51 16.29 -23.87
CA THR A 115 -0.78 16.37 -23.18
C THR A 115 -1.24 15.04 -22.59
N TRP A 116 -0.50 13.97 -22.90
CA TRP A 116 -0.79 12.65 -22.39
C TRP A 116 -0.20 12.39 -20.99
N LEU A 117 0.68 13.26 -20.51
CA LEU A 117 1.43 12.98 -19.27
C LEU A 117 0.47 12.60 -18.14
N PRO A 118 0.68 11.41 -17.52
CA PRO A 118 -0.35 10.90 -16.60
C PRO A 118 -0.49 11.71 -15.33
N TYR A 119 -1.70 12.21 -15.10
CA TYR A 119 -1.97 13.17 -14.05
C TYR A 119 -3.00 12.69 -13.02
N LEU A 120 -4.17 12.28 -13.49
CA LEU A 120 -5.23 11.81 -12.62
C LEU A 120 -5.29 10.29 -12.72
N TRP A 121 -5.01 9.62 -11.61
CA TRP A 121 -4.83 8.17 -11.61
C TRP A 121 -6.00 7.41 -11.03
N GLY A 122 -6.26 6.23 -11.58
CA GLY A 122 -7.21 5.30 -10.98
C GLY A 122 -6.66 4.71 -9.70
N GLN A 123 -7.45 3.86 -9.04
CA GLN A 123 -7.07 3.33 -7.73
C GLN A 123 -6.13 2.13 -7.84
N GLY A 124 -5.95 1.63 -9.06
CA GLY A 124 -5.06 0.51 -9.30
C GLY A 124 -5.80 -0.82 -9.23
N THR A 125 -5.27 -1.78 -9.99
CA THR A 125 -5.79 -3.15 -10.03
C THR A 125 -4.63 -4.09 -9.74
N LEU A 126 -4.79 -4.94 -8.72
CA LEU A 126 -3.76 -5.90 -8.38
C LEU A 126 -3.94 -7.18 -9.18
N LEU A 127 -2.95 -7.46 -10.02
CA LEU A 127 -2.89 -8.69 -10.81
C LEU A 127 -1.86 -9.61 -10.20
N THR A 128 -2.29 -10.81 -9.84
CA THR A 128 -1.38 -11.85 -9.39
C THR A 128 -1.35 -12.96 -10.42
N VAL A 129 -0.16 -13.28 -10.92
CA VAL A 129 0.02 -14.41 -11.82
C VAL A 129 0.69 -15.53 -11.05
N SER A 130 -0.01 -16.65 -10.93
CA SER A 130 0.46 -17.75 -10.10
C SER A 130 -0.24 -19.04 -10.48
N SER A 131 0.38 -20.18 -10.16
CA SER A 131 -0.23 -21.48 -10.40
C SER A 131 -1.08 -21.94 -9.23
N ALA A 132 -1.01 -21.21 -8.12
CA ALA A 132 -1.75 -21.55 -6.92
C ALA A 132 -3.21 -21.13 -7.02
N SER A 133 -4.09 -21.90 -6.36
CA SER A 133 -5.52 -21.62 -6.38
C SER A 133 -5.90 -20.54 -5.37
N THR A 134 -7.03 -19.88 -5.62
CA THR A 134 -7.56 -18.90 -4.69
C THR A 134 -7.92 -19.59 -3.38
N LYS A 135 -7.65 -18.91 -2.26
CA LYS A 135 -8.10 -19.39 -0.96
C LYS A 135 -8.65 -18.22 -0.15
N GLY A 136 -9.88 -18.39 0.32
CA GLY A 136 -10.53 -17.37 1.14
C GLY A 136 -10.01 -17.42 2.56
N PRO A 137 -10.07 -16.28 3.27
CA PRO A 137 -9.49 -16.20 4.62
C PRO A 137 -10.34 -16.87 5.69
N SER A 138 -9.68 -17.28 6.77
CA SER A 138 -10.36 -17.63 8.01
C SER A 138 -10.18 -16.44 8.94
N VAL A 139 -11.27 -15.93 9.50
CA VAL A 139 -11.21 -14.74 10.35
C VAL A 139 -11.42 -15.14 11.81
N PHE A 140 -10.50 -14.68 12.66
CA PHE A 140 -10.55 -14.97 14.07
C PHE A 140 -10.51 -13.67 14.86
N PRO A 141 -11.20 -13.63 16.01
CA PRO A 141 -11.20 -12.41 16.82
C PRO A 141 -9.87 -12.19 17.52
N LEU A 142 -9.48 -10.93 17.63
CA LEU A 142 -8.38 -10.53 18.49
C LEU A 142 -9.01 -9.92 19.74
N ALA A 143 -9.13 -10.73 20.79
CA ALA A 143 -9.88 -10.35 21.98
C ALA A 143 -9.33 -9.09 22.61
N PRO A 144 -10.21 -8.28 23.23
CA PRO A 144 -9.77 -7.00 23.78
C PRO A 144 -8.57 -7.12 24.70
N SER A 145 -7.63 -6.19 24.54
CA SER A 145 -6.41 -6.15 25.32
C SER A 145 -6.27 -4.75 25.87
N SER A 146 -5.78 -4.64 27.09
CA SER A 146 -5.59 -3.33 27.71
C SER A 146 -4.58 -2.51 26.92
N LYS A 147 -4.91 -1.24 26.68
CA LYS A 147 -3.95 -0.29 26.13
C LYS A 147 -3.49 0.63 27.27
N SER A 148 -4.44 1.22 27.97
CA SER A 148 -4.15 1.97 29.19
C SER A 148 -5.25 1.78 30.21
N THR A 149 -4.90 1.21 31.37
CA THR A 149 -5.86 1.01 32.45
C THR A 149 -6.35 2.35 32.99
N SER A 150 -5.40 3.25 33.27
CA SER A 150 -5.74 4.55 33.81
C SER A 150 -6.55 5.36 32.80
N GLY A 151 -6.20 5.21 31.53
CA GLY A 151 -6.90 5.88 30.45
C GLY A 151 -8.23 5.23 30.10
N GLY A 152 -8.40 3.98 30.54
CA GLY A 152 -9.64 3.25 30.30
C GLY A 152 -9.84 2.93 28.83
N THR A 153 -8.74 2.53 28.17
CA THR A 153 -8.75 2.21 26.75
C THR A 153 -8.31 0.78 26.50
N ALA A 154 -8.81 0.21 25.40
CA ALA A 154 -8.51 -1.17 25.02
C ALA A 154 -8.36 -1.25 23.52
N ALA A 155 -7.69 -2.29 23.06
CA ALA A 155 -7.59 -2.57 21.63
C ALA A 155 -8.16 -3.96 21.35
N LEU A 156 -8.92 -4.05 20.26
CA LEU A 156 -9.53 -5.31 19.84
C LEU A 156 -9.48 -5.35 18.33
N GLY A 157 -9.62 -6.53 17.74
CA GLY A 157 -9.49 -6.60 16.30
C GLY A 157 -9.87 -7.93 15.70
N CYS A 158 -9.42 -8.13 14.46
CA CYS A 158 -9.64 -9.37 13.73
CA CYS A 158 -9.64 -9.37 13.75
C CYS A 158 -8.37 -9.81 13.03
N LEU A 159 -8.10 -11.10 13.10
CA LEU A 159 -7.00 -11.72 12.39
C LEU A 159 -7.55 -12.34 11.13
N VAL A 160 -7.08 -11.88 9.97
CA VAL A 160 -7.51 -12.40 8.69
C VAL A 160 -6.43 -13.36 8.19
N LYS A 161 -6.69 -14.65 8.33
CA LYS A 161 -5.63 -15.65 8.23
C LYS A 161 -5.70 -16.52 6.97
N ASP A 162 -4.53 -16.71 6.35
CA ASP A 162 -4.33 -17.69 5.29
C ASP A 162 -5.23 -17.52 4.06
N TYR A 163 -5.06 -16.41 3.35
CA TYR A 163 -5.78 -16.19 2.11
C TYR A 163 -4.84 -15.98 0.93
N PHE A 164 -5.38 -16.09 -0.28
CA PHE A 164 -4.61 -15.90 -1.49
C PHE A 164 -5.56 -15.68 -2.66
N PRO A 165 -5.27 -14.72 -3.55
CA PRO A 165 -4.18 -13.75 -3.51
C PRO A 165 -4.57 -12.51 -2.70
N GLU A 166 -3.68 -11.53 -2.66
CA GLU A 166 -4.07 -10.19 -2.21
C GLU A 166 -5.08 -9.65 -3.20
N PRO A 167 -5.92 -8.68 -2.79
CA PRO A 167 -5.97 -8.04 -1.47
C PRO A 167 -7.20 -8.43 -0.65
N VAL A 168 -7.18 -8.02 0.61
CA VAL A 168 -8.34 -8.08 1.49
C VAL A 168 -8.65 -6.66 1.92
N THR A 169 -9.94 -6.36 2.10
CA THR A 169 -10.34 -5.07 2.66
C THR A 169 -11.07 -5.33 3.97
N VAL A 170 -10.86 -4.44 4.93
CA VAL A 170 -11.50 -4.54 6.24
C VAL A 170 -12.16 -3.22 6.60
N SER A 171 -13.41 -3.31 7.05
CA SER A 171 -14.10 -2.18 7.65
C SER A 171 -14.66 -2.62 8.99
N TRP A 172 -15.11 -1.65 9.78
CA TRP A 172 -15.66 -1.92 11.10
C TRP A 172 -17.07 -1.34 11.23
N ASN A 173 -17.97 -2.18 11.75
CA ASN A 173 -19.38 -1.81 11.90
C ASN A 173 -19.95 -1.22 10.61
N SER A 174 -19.67 -1.89 9.50
CA SER A 174 -20.18 -1.50 8.19
C SER A 174 -19.74 -0.09 7.79
N GLY A 175 -18.55 0.33 8.26
CA GLY A 175 -17.99 1.61 7.89
C GLY A 175 -18.34 2.74 8.83
N ALA A 176 -19.17 2.44 9.83
CA ALA A 176 -19.59 3.45 10.80
C ALA A 176 -18.45 3.80 11.74
N LEU A 177 -17.55 2.84 11.97
CA LEU A 177 -16.42 3.02 12.86
C LEU A 177 -15.13 3.19 12.06
N THR A 178 -14.56 4.38 12.10
CA THR A 178 -13.35 4.69 11.34
C THR A 178 -12.25 5.27 12.22
N SER A 179 -12.63 5.90 13.32
CA SER A 179 -11.66 6.49 14.23
C SER A 179 -10.95 5.43 15.06
N GLY A 180 -9.64 5.54 15.18
CA GLY A 180 -8.86 4.62 15.99
C GLY A 180 -8.63 3.27 15.34
N VAL A 181 -8.90 3.19 14.05
CA VAL A 181 -8.71 1.95 13.30
C VAL A 181 -7.30 1.87 12.71
N HIS A 182 -6.67 0.72 12.89
CA HIS A 182 -5.35 0.45 12.31
CA HIS A 182 -5.35 0.45 12.31
C HIS A 182 -5.39 -0.89 11.57
N THR A 183 -5.41 -0.84 10.24
CA THR A 183 -5.37 -2.06 9.44
C THR A 183 -3.97 -2.20 8.88
N PHE A 184 -3.34 -3.33 9.18
CA PHE A 184 -1.93 -3.55 8.89
C PHE A 184 -1.71 -4.22 7.55
N PRO A 185 -0.63 -3.85 6.84
CA PRO A 185 -0.25 -4.60 5.65
C PRO A 185 -0.07 -6.08 5.95
N ALA A 186 -0.34 -6.92 4.97
CA ALA A 186 -0.31 -8.37 5.15
C ALA A 186 1.11 -8.90 5.25
N VAL A 187 1.24 -10.02 5.95
CA VAL A 187 2.48 -10.78 5.98
C VAL A 187 2.34 -11.93 4.97
N LEU A 188 3.43 -12.27 4.27
CA LEU A 188 3.40 -13.35 3.26
C LEU A 188 4.10 -14.61 3.76
N GLN A 189 3.31 -15.53 4.31
CA GLN A 189 3.83 -16.74 4.95
C GLN A 189 4.57 -17.67 3.98
N SER A 190 5.30 -18.62 4.55
CA SER A 190 6.09 -19.57 3.76
C SER A 190 5.18 -20.50 2.97
N SER A 191 3.94 -20.62 3.41
CA SER A 191 2.95 -21.43 2.72
C SER A 191 2.57 -20.81 1.37
N GLY A 192 2.89 -19.53 1.21
CA GLY A 192 2.48 -18.78 0.04
C GLY A 192 1.16 -18.08 0.28
N LEU A 193 0.62 -18.23 1.49
CA LEU A 193 -0.63 -17.59 1.88
C LEU A 193 -0.36 -16.32 2.67
N TYR A 194 -1.30 -15.37 2.58
CA TYR A 194 -1.19 -14.11 3.31
C TYR A 194 -2.01 -14.11 4.58
N SER A 195 -1.60 -13.29 5.54
CA SER A 195 -2.42 -12.97 6.70
C SER A 195 -2.27 -11.49 7.01
N LEU A 196 -3.32 -10.88 7.54
CA LEU A 196 -3.22 -9.51 8.03
C LEU A 196 -4.12 -9.35 9.25
N SER A 197 -3.95 -8.23 9.93
CA SER A 197 -4.76 -7.90 11.10
C SER A 197 -5.32 -6.49 11.01
N SER A 198 -6.49 -6.30 11.59
CA SER A 198 -7.07 -4.97 11.77
C SER A 198 -7.47 -4.80 13.22
N VAL A 199 -7.08 -3.67 13.81
CA VAL A 199 -7.32 -3.41 15.22
C VAL A 199 -7.97 -2.04 15.40
N VAL A 200 -8.81 -1.91 16.40
CA VAL A 200 -9.40 -0.63 16.73
C VAL A 200 -9.21 -0.35 18.22
N THR A 201 -8.88 0.90 18.54
CA THR A 201 -8.71 1.34 19.92
C THR A 201 -9.98 2.03 20.38
N VAL A 202 -10.51 1.59 21.50
CA VAL A 202 -11.81 2.07 22.00
C VAL A 202 -11.79 2.25 23.52
N PRO A 203 -12.75 3.01 24.06
CA PRO A 203 -12.86 3.04 25.52
C PRO A 203 -13.22 1.66 26.05
N SER A 204 -12.57 1.23 27.13
CA SER A 204 -12.85 -0.08 27.68
C SER A 204 -14.30 -0.19 28.16
N SER A 205 -14.87 0.94 28.59
CA SER A 205 -16.25 0.96 29.03
C SER A 205 -17.21 0.60 27.89
N SER A 206 -16.78 0.81 26.65
CA SER A 206 -17.65 0.55 25.50
C SER A 206 -17.71 -0.94 25.16
N LEU A 207 -16.84 -1.74 25.75
CA LEU A 207 -16.85 -3.18 25.46
C LEU A 207 -18.17 -3.80 25.91
N GLY A 208 -18.79 -3.20 26.92
CA GLY A 208 -20.06 -3.69 27.43
C GLY A 208 -21.28 -3.06 26.77
N THR A 209 -21.08 -1.97 26.03
CA THR A 209 -22.21 -1.19 25.50
C THR A 209 -22.23 -1.06 23.99
N GLN A 210 -21.14 -1.43 23.33
CA GLN A 210 -21.00 -1.28 21.89
C GLN A 210 -20.57 -2.58 21.24
N THR A 211 -21.23 -2.93 20.14
CA THR A 211 -20.87 -4.10 19.35
C THR A 211 -19.79 -3.73 18.34
N TYR A 212 -18.77 -4.57 18.24
CA TYR A 212 -17.69 -4.38 17.27
C TYR A 212 -17.64 -5.56 16.31
N ILE A 213 -17.87 -5.25 15.05
CA ILE A 213 -17.91 -6.24 13.97
C ILE A 213 -16.96 -5.82 12.86
N CYS A 214 -15.99 -6.68 12.56
CA CYS A 214 -15.11 -6.44 11.43
C CYS A 214 -15.74 -7.03 10.18
N ASN A 215 -15.78 -6.23 9.13
CA ASN A 215 -16.31 -6.69 7.84
C ASN A 215 -15.14 -6.93 6.89
N VAL A 216 -14.87 -8.21 6.64
CA VAL A 216 -13.73 -8.63 5.83
C VAL A 216 -14.19 -9.09 4.46
N ASN A 217 -13.60 -8.52 3.41
CA ASN A 217 -13.94 -8.88 2.04
CA ASN A 217 -13.94 -8.88 2.04
C ASN A 217 -12.71 -9.38 1.28
N HIS A 218 -12.82 -10.58 0.71
CA HIS A 218 -11.80 -11.14 -0.16
C HIS A 218 -12.46 -11.45 -1.50
N LYS A 219 -12.58 -10.43 -2.34
CA LYS A 219 -13.33 -10.55 -3.59
C LYS A 219 -12.80 -11.63 -4.53
N PRO A 220 -11.47 -11.84 -4.57
CA PRO A 220 -10.95 -12.90 -5.44
C PRO A 220 -11.57 -14.28 -5.18
N SER A 221 -11.94 -14.57 -3.93
CA SER A 221 -12.60 -15.85 -3.61
C SER A 221 -14.10 -15.66 -3.44
N ASN A 222 -14.56 -14.42 -3.64
CA ASN A 222 -15.97 -14.09 -3.49
CA ASN A 222 -15.97 -14.09 -3.48
C ASN A 222 -16.50 -14.47 -2.11
N THR A 223 -15.68 -14.23 -1.09
CA THR A 223 -16.07 -14.51 0.28
C THR A 223 -16.06 -13.23 1.11
N LYS A 224 -17.09 -13.09 1.95
CA LYS A 224 -17.12 -12.07 2.98
C LYS A 224 -17.18 -12.74 4.34
N VAL A 225 -16.62 -12.09 5.34
CA VAL A 225 -16.73 -12.57 6.71
C VAL A 225 -17.00 -11.40 7.64
N ASP A 226 -18.14 -11.45 8.33
CA ASP A 226 -18.47 -10.47 9.35
C ASP A 226 -18.35 -11.13 10.72
N LYS A 227 -17.25 -10.83 11.42
CA LYS A 227 -17.00 -11.41 12.73
C LYS A 227 -17.28 -10.41 13.84
N ARG A 228 -18.18 -10.79 14.73
CA ARG A 228 -18.38 -10.05 15.96
C ARG A 228 -17.24 -10.42 16.91
N VAL A 229 -16.48 -9.41 17.34
CA VAL A 229 -15.38 -9.63 18.27
C VAL A 229 -15.92 -9.75 19.69
N GLU A 230 -15.86 -10.95 20.24
CA GLU A 230 -16.38 -11.18 21.57
C GLU A 230 -15.55 -10.36 22.57
N PRO A 231 -16.23 -9.52 23.39
CA PRO A 231 -15.54 -8.49 24.18
C PRO A 231 -14.96 -8.92 25.53
N LYS A 232 -15.23 -10.15 25.95
CA LYS A 232 -14.73 -10.64 27.22
C LYS A 232 -13.26 -11.03 27.05
N SER A 233 -12.40 -10.35 27.80
CA SER A 233 -10.96 -10.43 27.59
C SER A 233 -10.27 -11.44 28.51
N CYS A 234 -9.12 -11.92 28.04
CA CYS A 234 -8.28 -12.83 28.79
CA CYS A 234 -8.28 -12.83 28.80
C CYS A 234 -7.09 -12.06 29.37
N ASP A 235 -7.03 -10.77 29.05
CA ASP A 235 -5.98 -9.88 29.53
C ASP A 235 -6.22 -9.53 31.00
N LYS A 236 -5.22 -9.80 31.84
CA LYS A 236 -5.37 -9.59 33.28
C LYS A 236 -5.68 -8.14 33.62
N GLY A 237 -4.96 -7.20 33.00
CA GLY A 237 -5.12 -5.79 33.29
C GLY A 237 -6.53 -5.31 32.99
N LEU A 238 -7.13 -5.90 31.96
CA LEU A 238 -8.48 -5.55 31.54
C LEU A 238 -9.53 -6.32 32.35
N GLU A 239 -9.22 -7.58 32.64
CA GLU A 239 -10.10 -8.45 33.42
C GLU A 239 -10.58 -7.81 34.72
N VAL A 240 -9.67 -7.11 35.39
CA VAL A 240 -9.98 -6.50 36.68
C VAL A 240 -11.12 -5.49 36.56
N LEU A 241 -11.24 -4.84 35.41
CA LEU A 241 -12.24 -3.81 35.22
C LEU A 241 -13.64 -4.37 34.97
N PHE A 242 -13.74 -5.70 34.83
CA PHE A 242 -15.03 -6.35 34.61
C PHE A 242 -15.32 -7.38 35.69
N SER B 2 17.08 0.90 -14.87
CA SER B 2 16.73 2.08 -15.73
C SER B 2 17.96 2.92 -16.06
N VAL B 3 17.97 3.47 -17.27
CA VAL B 3 19.08 4.29 -17.73
C VAL B 3 18.99 5.71 -17.16
N LEU B 4 17.84 6.03 -16.56
CA LEU B 4 17.64 7.33 -15.91
C LEU B 4 17.91 7.17 -14.42
N THR B 5 19.05 7.68 -13.96
CA THR B 5 19.53 7.41 -12.60
C THR B 5 19.18 8.53 -11.62
N GLN B 6 18.71 8.14 -10.45
CA GLN B 6 18.50 9.03 -9.33
C GLN B 6 19.37 8.63 -8.16
N SER B 7 19.64 9.59 -7.27
CA SER B 7 20.28 9.27 -6.00
C SER B 7 19.37 8.32 -5.23
N ALA B 8 19.92 7.20 -4.76
CA ALA B 8 19.12 6.17 -4.11
C ALA B 8 18.45 6.69 -2.85
N SER B 9 19.17 7.54 -2.12
CA SER B 9 18.67 8.06 -0.86
C SER B 9 19.21 9.47 -0.65
N VAL B 10 18.40 10.32 -0.04
CA VAL B 10 18.84 11.65 0.32
C VAL B 10 18.11 12.07 1.58
N SER B 11 18.72 12.97 2.35
CA SER B 11 18.11 13.40 3.59
C SER B 11 18.27 14.89 3.82
N GLY B 12 17.32 15.46 4.55
CA GLY B 12 17.36 16.84 4.96
C GLY B 12 16.59 16.99 6.25
N SER B 13 16.82 18.08 6.97
CA SER B 13 16.19 18.26 8.28
C SER B 13 14.89 19.04 8.14
N LEU B 14 13.98 18.82 9.10
CA LEU B 14 12.74 19.58 9.19
C LEU B 14 12.98 21.07 8.99
N GLY B 15 12.21 21.69 8.10
CA GLY B 15 12.28 23.12 7.88
C GLY B 15 13.40 23.54 6.96
N GLN B 16 14.19 22.58 6.51
CA GLN B 16 15.31 22.85 5.61
C GLN B 16 15.01 22.24 4.24
N SER B 17 15.99 22.26 3.35
CA SER B 17 15.77 21.77 2.00
C SER B 17 16.65 20.58 1.64
N VAL B 18 16.25 19.91 0.55
CA VAL B 18 17.04 18.85 -0.02
C VAL B 18 16.79 18.87 -1.53
N THR B 19 17.79 18.48 -2.30
CA THR B 19 17.68 18.40 -3.76
C THR B 19 17.94 16.99 -4.23
N ILE B 20 17.09 16.51 -5.13
CA ILE B 20 17.18 15.19 -5.73
C ILE B 20 17.57 15.33 -7.19
N SER B 21 18.51 14.50 -7.65
CA SER B 21 18.98 14.57 -9.02
C SER B 21 18.41 13.45 -9.88
N CYS B 22 18.39 13.69 -11.18
CA CYS B 22 17.83 12.77 -12.16
C CYS B 22 18.59 12.99 -13.46
N THR B 23 19.41 12.03 -13.84
CA THR B 23 20.25 12.18 -15.03
C THR B 23 20.45 10.84 -15.73
N GLY B 24 20.99 10.89 -16.94
CA GLY B 24 21.29 9.68 -17.69
C GLY B 24 21.81 10.03 -19.06
N PRO B 25 21.91 9.04 -19.95
CA PRO B 25 22.39 9.29 -21.32
C PRO B 25 21.51 10.28 -22.09
N ASN B 26 22.01 10.78 -23.21
CA ASN B 26 21.32 11.82 -23.98
C ASN B 26 19.93 11.41 -24.45
N SER B 27 19.69 10.11 -24.57
CA SER B 27 18.40 9.61 -24.99
C SER B 27 17.32 9.86 -23.95
N VAL B 28 17.72 10.15 -22.71
CA VAL B 28 16.74 10.42 -21.65
C VAL B 28 16.92 11.78 -20.99
N CYS B 29 18.10 12.40 -21.08
CA CYS B 29 18.29 13.73 -20.51
CA CYS B 29 18.28 13.73 -20.51
C CYS B 29 19.50 14.42 -21.15
N CYS B 30 19.48 15.74 -21.34
CA CYS B 30 18.41 16.66 -20.88
C CYS B 30 17.88 17.55 -22.00
N SER B 31 18.74 17.84 -22.98
CA SER B 31 18.33 18.65 -24.12
CA SER B 31 18.33 18.65 -24.12
C SER B 31 17.21 17.96 -24.91
N HIS B 32 16.14 18.71 -25.15
CA HIS B 32 15.00 18.20 -25.93
C HIS B 32 14.28 17.04 -25.27
N LYS B 33 14.50 16.86 -23.97
CA LYS B 33 13.77 15.86 -23.18
C LYS B 33 13.06 16.56 -22.04
N SER B 34 11.77 16.27 -21.87
CA SER B 34 11.01 16.82 -20.77
C SER B 34 11.17 15.93 -19.54
N ILE B 35 11.19 16.54 -18.36
CA ILE B 35 11.31 15.81 -17.11
C ILE B 35 10.15 16.14 -16.19
N SER B 36 9.53 15.10 -15.64
CA SER B 36 8.51 15.27 -14.62
C SER B 36 8.93 14.56 -13.36
N TRP B 37 8.27 14.91 -12.26
CA TRP B 37 8.54 14.33 -10.96
C TRP B 37 7.24 13.90 -10.30
N TYR B 38 7.27 12.68 -9.74
CA TYR B 38 6.14 12.10 -9.03
C TYR B 38 6.53 11.73 -7.61
N GLN B 39 5.65 12.03 -6.67
CA GLN B 39 5.71 11.44 -5.34
C GLN B 39 4.98 10.10 -5.43
N TRP B 40 5.63 9.01 -5.04
CA TRP B 40 5.05 7.68 -5.23
C TRP B 40 5.23 6.80 -4.00
N PRO B 41 4.41 7.04 -2.97
CA PRO B 41 4.52 6.24 -1.74
C PRO B 41 4.29 4.76 -2.02
N PRO B 42 5.10 3.87 -1.42
CA PRO B 42 4.86 2.44 -1.58
C PRO B 42 3.40 2.08 -1.28
N GLY B 43 2.77 1.36 -2.21
CA GLY B 43 1.43 0.85 -2.00
C GLY B 43 0.31 1.83 -2.26
N ARG B 44 0.65 2.98 -2.86
CA ARG B 44 -0.33 4.02 -3.17
C ARG B 44 -0.19 4.49 -4.60
N ALA B 45 -1.19 5.22 -5.09
CA ALA B 45 -1.10 5.87 -6.39
C ALA B 45 -0.20 7.09 -6.24
N PRO B 46 0.51 7.46 -7.32
CA PRO B 46 1.42 8.61 -7.24
C PRO B 46 0.72 9.95 -7.39
N THR B 47 1.47 11.01 -7.07
CA THR B 47 1.03 12.39 -7.24
C THR B 47 2.04 13.11 -8.11
N LEU B 48 1.59 13.69 -9.21
CA LEU B 48 2.44 14.53 -10.04
C LEU B 48 2.82 15.81 -9.29
N ILE B 49 4.12 16.09 -9.23
CA ILE B 49 4.65 17.28 -8.55
C ILE B 49 5.08 18.34 -9.55
N ILE B 50 5.91 17.93 -10.51
CA ILE B 50 6.51 18.81 -11.50
C ILE B 50 6.30 18.23 -12.88
N TYR B 51 5.98 19.07 -13.86
CA TYR B 51 6.00 18.68 -15.27
C TYR B 51 6.80 19.70 -16.07
N GLU B 52 7.23 19.30 -17.25
CA GLU B 52 8.07 20.12 -18.13
C GLU B 52 9.20 20.83 -17.37
N ASP B 53 9.94 20.03 -16.60
CA ASP B 53 11.18 20.45 -15.94
C ASP B 53 10.97 21.30 -14.68
N ASN B 54 10.11 22.30 -14.76
CA ASN B 54 10.04 23.31 -13.71
C ASN B 54 8.65 23.87 -13.42
N GLU B 55 7.60 23.23 -13.94
CA GLU B 55 6.25 23.70 -13.69
CA GLU B 55 6.24 23.70 -13.70
C GLU B 55 5.58 22.86 -12.60
N ARG B 56 5.06 23.53 -11.58
CA ARG B 56 4.35 22.82 -10.52
C ARG B 56 2.99 22.37 -11.02
N ALA B 57 2.64 21.12 -10.71
CA ALA B 57 1.30 20.62 -10.98
C ALA B 57 0.28 21.45 -10.18
N PRO B 58 -0.99 21.43 -10.62
CA PRO B 58 -1.99 22.28 -9.97
C PRO B 58 -2.11 22.02 -8.46
N GLY B 59 -2.05 23.08 -7.67
CA GLY B 59 -2.26 22.95 -6.23
C GLY B 59 -1.04 22.50 -5.44
N ILE B 60 0.06 22.19 -6.13
CA ILE B 60 1.28 21.79 -5.45
C ILE B 60 1.89 22.96 -4.71
N SER B 61 2.35 22.69 -3.49
CA SER B 61 2.97 23.71 -2.65
C SER B 61 4.21 24.31 -3.31
N PRO B 62 4.40 25.64 -3.16
CA PRO B 62 5.62 26.23 -3.73
C PRO B 62 6.91 25.77 -3.04
N ARG B 63 6.80 24.93 -2.01
CA ARG B 63 7.98 24.28 -1.42
C ARG B 63 8.71 23.40 -2.42
N PHE B 64 7.99 22.94 -3.43
CA PHE B 64 8.54 22.07 -4.45
C PHE B 64 8.94 22.86 -5.69
N SER B 65 10.16 22.68 -6.15
CA SER B 65 10.62 23.36 -7.35
C SER B 65 11.47 22.43 -8.20
N GLY B 66 11.45 22.68 -9.50
CA GLY B 66 12.21 21.89 -10.44
C GLY B 66 13.13 22.77 -11.28
N TYR B 67 14.28 22.20 -11.64
CA TYR B 67 15.22 22.85 -12.52
C TYR B 67 15.93 21.81 -13.35
N LYS B 68 16.07 22.06 -14.65
CA LYS B 68 16.81 21.15 -15.53
C LYS B 68 17.94 21.90 -16.22
N SER B 69 19.17 21.45 -15.96
CA SER B 69 20.33 21.98 -16.64
C SER B 69 20.65 21.12 -17.85
N TYR B 70 21.73 21.47 -18.52
CA TYR B 70 22.23 20.68 -19.63
C TYR B 70 22.56 19.26 -19.19
N TRP B 71 23.02 19.13 -17.94
CA TRP B 71 23.55 17.86 -17.43
C TRP B 71 22.52 16.97 -16.73
N SER B 72 21.57 17.58 -16.03
CA SER B 72 20.74 16.85 -15.09
C SER B 72 19.48 17.64 -14.75
N ALA B 73 18.45 16.92 -14.32
CA ALA B 73 17.26 17.52 -13.75
C ALA B 73 17.30 17.42 -12.24
N TYR B 74 16.60 18.33 -11.58
CA TYR B 74 16.61 18.42 -10.13
C TYR B 74 15.24 18.75 -9.58
N LEU B 75 14.90 18.10 -8.47
CA LEU B 75 13.74 18.45 -7.66
C LEU B 75 14.23 18.93 -6.31
N THR B 76 13.85 20.15 -5.94
CA THR B 76 14.20 20.68 -4.64
C THR B 76 12.94 20.76 -3.79
N ILE B 77 13.02 20.21 -2.59
CA ILE B 77 11.95 20.27 -1.60
C ILE B 77 12.45 21.15 -0.47
N SER B 78 11.83 22.32 -0.30
CA SER B 78 12.23 23.24 0.76
CA SER B 78 12.23 23.24 0.76
C SER B 78 11.27 23.13 1.94
N ASP B 79 11.68 23.68 3.09
CA ASP B 79 10.86 23.70 4.30
C ASP B 79 10.27 22.32 4.58
N LEU B 80 11.14 21.32 4.63
CA LEU B 80 10.74 19.91 4.70
C LEU B 80 9.77 19.62 5.84
N ARG B 81 8.80 18.76 5.53
CA ARG B 81 7.76 18.34 6.46
C ARG B 81 7.78 16.81 6.60
N PRO B 82 7.19 16.28 7.68
CA PRO B 82 7.17 14.83 7.87
C PRO B 82 6.56 14.07 6.69
N GLU B 83 5.56 14.66 6.04
CA GLU B 83 4.89 13.99 4.93
C GLU B 83 5.78 13.87 3.69
N ASP B 84 6.89 14.61 3.66
CA ASP B 84 7.81 14.57 2.53
C ASP B 84 8.69 13.33 2.54
N GLU B 85 8.71 12.61 3.67
CA GLU B 85 9.51 11.40 3.81
C GLU B 85 8.84 10.23 3.09
N THR B 86 9.24 10.01 1.86
CA THR B 86 8.66 8.98 1.01
C THR B 86 9.51 8.83 -0.24
N THR B 87 8.98 8.15 -1.23
CA THR B 87 9.70 7.84 -2.46
C THR B 87 9.31 8.76 -3.61
N TYR B 88 10.31 9.17 -4.40
CA TYR B 88 10.11 10.07 -5.55
C TYR B 88 10.72 9.47 -6.81
N TYR B 89 9.99 9.59 -7.92
CA TYR B 89 10.46 9.17 -9.24
C TYR B 89 10.45 10.32 -10.21
N CYS B 90 11.50 10.46 -10.99
CA CYS B 90 11.44 11.32 -12.16
C CYS B 90 11.05 10.47 -13.35
N CYS B 91 10.59 11.15 -14.40
CA CYS B 91 10.28 10.51 -15.67
CA CYS B 91 10.33 10.50 -15.66
C CYS B 91 10.74 11.39 -16.81
N SER B 92 11.41 10.78 -17.78
CA SER B 92 11.83 11.44 -19.00
C SER B 92 10.84 11.11 -20.11
N TYR B 93 10.41 12.14 -20.83
CA TYR B 93 9.38 11.97 -21.84
C TYR B 93 9.48 13.03 -22.93
N THR B 94 8.84 12.74 -24.05
CA THR B 94 8.70 13.67 -25.15
C THR B 94 7.31 13.52 -25.75
N HIS B 95 6.98 14.39 -26.69
CA HIS B 95 5.71 14.39 -27.39
C HIS B 95 5.26 12.99 -27.81
N ASN B 96 6.19 12.24 -28.41
CA ASN B 96 5.89 10.95 -29.02
C ASN B 96 6.40 9.74 -28.25
N SER B 97 6.99 9.97 -27.08
CA SER B 97 7.60 8.87 -26.30
C SER B 97 7.20 8.91 -24.84
N GLY B 98 6.62 7.81 -24.37
CA GLY B 98 6.10 7.71 -23.03
C GLY B 98 7.15 7.81 -21.96
N CYS B 99 6.73 7.74 -20.71
CA CYS B 99 7.65 7.89 -19.58
C CYS B 99 8.70 6.80 -19.51
N VAL B 100 9.95 7.23 -19.39
CA VAL B 100 11.01 6.40 -18.86
C VAL B 100 11.20 6.84 -17.41
N PHE B 101 10.91 5.96 -16.47
CA PHE B 101 11.02 6.31 -15.06
C PHE B 101 12.43 6.12 -14.54
N GLY B 102 12.83 7.02 -13.64
CA GLY B 102 14.13 6.92 -13.01
C GLY B 102 14.18 5.81 -12.00
N THR B 103 15.34 5.62 -11.37
CA THR B 103 15.56 4.50 -10.48
C THR B 103 14.95 4.71 -9.10
N GLY B 104 14.50 5.93 -8.81
CA GLY B 104 13.79 6.23 -7.58
C GLY B 104 14.68 6.75 -6.47
N THR B 105 14.11 7.61 -5.61
CA THR B 105 14.82 8.19 -4.47
C THR B 105 13.97 8.13 -3.21
N LYS B 106 14.55 7.61 -2.12
CA LYS B 106 13.91 7.70 -0.81
C LYS B 106 14.42 8.93 -0.08
N VAL B 107 13.51 9.81 0.29
CA VAL B 107 13.83 10.99 1.10
C VAL B 107 13.58 10.70 2.57
N SER B 108 14.58 10.94 3.41
CA SER B 108 14.42 10.89 4.85
C SER B 108 14.39 12.32 5.40
N VAL B 109 13.47 12.59 6.31
CA VAL B 109 13.36 13.90 6.92
C VAL B 109 13.85 13.84 8.36
N LEU B 110 15.01 14.45 8.58
CA LEU B 110 15.70 14.36 9.86
C LEU B 110 15.22 15.44 10.83
N GLY B 111 15.62 15.30 12.09
CA GLY B 111 15.29 16.28 13.11
C GLY B 111 13.89 16.10 13.69
N GLN B 112 13.26 14.98 13.38
CA GLN B 112 11.95 14.66 13.96
C GLN B 112 12.12 13.97 15.31
N SER B 113 11.12 14.12 16.17
CA SER B 113 11.15 13.50 17.48
C SER B 113 11.08 11.98 17.37
N LYS B 114 11.84 11.30 18.21
CA LYS B 114 11.72 9.86 18.34
C LYS B 114 10.33 9.56 18.88
N ALA B 115 9.67 8.55 18.29
CA ALA B 115 8.39 8.07 18.79
C ALA B 115 8.51 6.60 19.11
N ASN B 116 8.17 6.22 20.33
CA ASN B 116 8.25 4.84 20.77
C ASN B 116 7.05 4.03 20.29
N PRO B 117 7.28 2.76 19.92
CA PRO B 117 6.18 1.95 19.40
C PRO B 117 5.10 1.65 20.43
N SER B 118 3.84 1.70 19.99
CA SER B 118 2.73 1.16 20.76
C SER B 118 2.58 -0.29 20.35
N VAL B 119 2.67 -1.19 21.33
CA VAL B 119 2.67 -2.62 21.08
C VAL B 119 1.49 -3.30 21.76
N THR B 120 0.78 -4.12 21.01
CA THR B 120 -0.28 -4.97 21.56
C THR B 120 -0.07 -6.40 21.09
N LEU B 121 -0.08 -7.33 22.04
CA LEU B 121 0.06 -8.75 21.76
C LEU B 121 -1.26 -9.47 22.05
N PHE B 122 -1.76 -10.20 21.06
CA PHE B 122 -2.99 -10.97 21.21
C PHE B 122 -2.72 -12.47 21.27
N PRO B 123 -3.43 -13.19 22.16
CA PRO B 123 -3.32 -14.65 22.22
C PRO B 123 -4.16 -15.31 21.12
N PRO B 124 -4.03 -16.63 20.94
CA PRO B 124 -4.90 -17.25 19.94
C PRO B 124 -6.35 -17.26 20.40
N SER B 125 -7.28 -17.21 19.46
CA SER B 125 -8.69 -17.27 19.78
C SER B 125 -9.10 -18.70 20.10
N SER B 126 -10.20 -18.86 20.82
CA SER B 126 -10.74 -20.18 21.10
C SER B 126 -11.17 -20.83 19.78
N GLU B 127 -11.67 -20.01 18.87
CA GLU B 127 -12.11 -20.48 17.56
C GLU B 127 -10.98 -21.14 16.79
N GLU B 128 -9.79 -20.53 16.85
CA GLU B 128 -8.64 -21.06 16.13
C GLU B 128 -8.12 -22.35 16.76
N LEU B 129 -8.12 -22.41 18.08
CA LEU B 129 -7.63 -23.60 18.78
C LEU B 129 -8.53 -24.80 18.48
N GLN B 130 -9.78 -24.53 18.14
CA GLN B 130 -10.72 -25.58 17.74
C GLN B 130 -10.42 -26.10 16.33
N ALA B 131 -9.53 -25.41 15.61
CA ALA B 131 -9.45 -25.56 14.15
C ALA B 131 -8.43 -26.53 13.51
N ASN B 132 -7.33 -26.97 14.14
CA ASN B 132 -6.81 -26.57 15.44
C ASN B 132 -5.41 -25.97 15.28
N LYS B 133 -5.33 -24.66 15.42
CA LYS B 133 -4.08 -23.94 15.25
C LYS B 133 -3.92 -22.91 16.36
N ALA B 134 -2.78 -22.23 16.37
CA ALA B 134 -2.54 -21.18 17.35
C ALA B 134 -1.64 -20.11 16.74
N THR B 135 -2.14 -18.87 16.72
CA THR B 135 -1.39 -17.75 16.20
C THR B 135 -1.36 -16.61 17.22
N LEU B 136 -0.16 -16.23 17.62
CA LEU B 136 0.03 -15.01 18.41
C LEU B 136 0.26 -13.86 17.45
N VAL B 137 -0.39 -12.73 17.73
CA VAL B 137 -0.30 -11.56 16.86
C VAL B 137 0.24 -10.37 17.65
N CYS B 138 1.38 -9.87 17.21
CA CYS B 138 2.02 -8.71 17.81
C CYS B 138 1.94 -7.51 16.86
N LEU B 139 1.12 -6.54 17.22
CA LEU B 139 0.89 -5.36 16.37
C LEU B 139 1.65 -4.16 16.91
N ILE B 140 2.32 -3.46 16.01
CA ILE B 140 3.28 -2.43 16.36
C ILE B 140 3.00 -1.16 15.56
N SER B 141 2.77 -0.05 16.26
CA SER B 141 2.38 1.18 15.58
C SER B 141 2.99 2.44 16.17
N ASP B 142 2.89 3.52 15.40
CA ASP B 142 3.26 4.87 15.85
C ASP B 142 4.73 4.99 16.25
N PHE B 143 5.64 4.29 15.57
CA PHE B 143 7.05 4.45 15.88
C PHE B 143 7.78 5.24 14.80
N TYR B 144 8.78 6.00 15.25
CA TYR B 144 9.66 6.75 14.36
C TYR B 144 11.03 6.85 15.01
N PRO B 145 12.12 6.66 14.24
CA PRO B 145 12.20 6.34 12.81
C PRO B 145 11.58 5.00 12.45
N GLY B 146 11.44 4.73 11.16
CA GLY B 146 10.67 3.58 10.70
C GLY B 146 11.44 2.28 10.66
N ALA B 147 11.93 1.84 11.81
CA ALA B 147 12.60 0.55 11.91
C ALA B 147 12.44 -0.04 13.31
N VAL B 148 12.13 -1.33 13.34
CA VAL B 148 12.12 -2.09 14.59
C VAL B 148 12.65 -3.49 14.32
N THR B 149 13.07 -4.17 15.39
CA THR B 149 13.34 -5.60 15.32
C THR B 149 12.45 -6.29 16.35
N VAL B 150 12.01 -7.49 16.05
CA VAL B 150 11.09 -8.22 16.91
C VAL B 150 11.66 -9.58 17.30
N ALA B 151 11.54 -9.90 18.58
CA ALA B 151 11.93 -11.20 19.10
C ALA B 151 10.79 -11.79 19.92
N TRP B 152 10.65 -13.11 19.87
CA TRP B 152 9.60 -13.80 20.63
C TRP B 152 10.20 -14.64 21.74
N LYS B 153 9.41 -14.86 22.78
CA LYS B 153 9.84 -15.68 23.91
C LYS B 153 8.77 -16.66 24.34
N ALA B 154 9.23 -17.87 24.65
CA ALA B 154 8.40 -18.88 25.25
C ALA B 154 8.83 -18.98 26.71
N ASP B 155 7.95 -18.55 27.61
CA ASP B 155 8.32 -18.30 29.00
C ASP B 155 9.46 -17.29 29.04
N SER B 156 10.70 -17.77 29.15
CA SER B 156 11.86 -16.90 29.29
C SER B 156 12.94 -17.11 28.23
N SER B 157 12.70 -18.05 27.31
CA SER B 157 13.71 -18.40 26.30
C SER B 157 13.24 -18.13 24.87
N PRO B 158 14.17 -17.72 23.97
CA PRO B 158 13.89 -17.42 22.56
C PRO B 158 13.03 -18.44 21.82
N VAL B 159 12.21 -17.93 20.90
CA VAL B 159 11.47 -18.76 19.94
C VAL B 159 11.92 -18.40 18.54
N LYS B 160 11.84 -19.35 17.61
CA LYS B 160 12.47 -19.23 16.30
C LYS B 160 11.64 -19.85 15.17
N ALA B 161 10.65 -20.64 15.56
CA ALA B 161 9.89 -21.45 14.62
C ALA B 161 8.49 -20.88 14.41
N GLY B 162 8.18 -20.56 13.17
CA GLY B 162 6.87 -20.01 12.86
C GLY B 162 6.76 -18.54 13.21
N VAL B 163 7.90 -17.85 13.32
CA VAL B 163 7.90 -16.39 13.43
C VAL B 163 7.96 -15.76 12.06
N GLU B 164 7.04 -14.84 11.78
N GLU B 164 7.03 -14.84 11.83
CA GLU B 164 7.03 -14.09 10.52
CA GLU B 164 7.05 -14.06 10.61
C GLU B 164 6.64 -12.64 10.76
C GLU B 164 6.72 -12.62 10.90
N THR B 165 7.52 -11.73 10.34
CA THR B 165 7.41 -10.31 10.62
C THR B 165 7.41 -9.49 9.33
N THR B 166 6.53 -8.50 9.26
CA THR B 166 6.42 -7.65 8.08
C THR B 166 7.50 -6.58 8.07
N THR B 167 7.71 -6.00 6.90
CA THR B 167 8.50 -4.79 6.77
C THR B 167 7.74 -3.63 7.43
N PRO B 168 8.44 -2.53 7.75
CA PRO B 168 7.72 -1.37 8.26
C PRO B 168 6.99 -0.64 7.15
N SER B 169 5.85 -0.03 7.48
CA SER B 169 5.08 0.74 6.53
C SER B 169 4.68 2.08 7.15
N LYS B 170 4.63 3.12 6.31
CA LYS B 170 4.34 4.46 6.80
C LYS B 170 2.85 4.68 6.99
N GLN B 171 2.48 5.14 8.18
CA GLN B 171 1.11 5.48 8.51
C GLN B 171 0.73 6.87 7.99
N SER B 172 -0.55 7.19 8.02
CA SER B 172 -1.03 8.49 7.57
C SER B 172 -0.49 9.63 8.43
N ASN B 173 -0.16 9.34 9.69
CA ASN B 173 0.39 10.37 10.58
C ASN B 173 1.91 10.47 10.49
N ASN B 174 2.48 9.79 9.50
CA ASN B 174 3.91 9.87 9.17
C ASN B 174 4.81 9.20 10.19
N LYS B 175 4.22 8.39 11.06
CA LYS B 175 4.96 7.41 11.84
C LYS B 175 4.80 6.05 11.16
N TYR B 176 5.36 5.00 11.74
CA TYR B 176 5.42 3.70 11.06
C TYR B 176 4.74 2.58 11.83
N ALA B 177 4.47 1.50 11.11
CA ALA B 177 3.78 0.33 11.65
C ALA B 177 4.39 -0.95 11.13
N ALA B 178 4.27 -2.02 11.92
CA ALA B 178 4.69 -3.35 11.51
C ALA B 178 3.92 -4.37 12.32
N SER B 179 3.97 -5.63 11.89
CA SER B 179 3.32 -6.70 12.62
C SER B 179 4.16 -7.97 12.58
N SER B 180 4.00 -8.78 13.60
CA SER B 180 4.71 -10.05 13.69
C SER B 180 3.77 -11.14 14.16
N TYR B 181 3.95 -12.33 13.60
CA TYR B 181 3.07 -13.46 13.87
C TYR B 181 3.89 -14.66 14.33
N LEU B 182 3.48 -15.26 15.45
CA LEU B 182 4.07 -16.52 15.91
C LEU B 182 3.03 -17.64 15.81
N SER B 183 3.32 -18.63 14.97
CA SER B 183 2.44 -19.78 14.81
C SER B 183 2.85 -20.89 15.77
N LEU B 184 1.85 -21.47 16.43
CA LEU B 184 2.07 -22.57 17.36
C LEU B 184 1.02 -23.65 17.14
N THR B 185 1.26 -24.82 17.72
CA THR B 185 0.20 -25.81 17.88
C THR B 185 -0.47 -25.51 19.22
N PRO B 186 -1.76 -25.86 19.35
CA PRO B 186 -2.46 -25.64 20.63
C PRO B 186 -1.70 -26.21 21.83
N GLU B 187 -0.92 -27.26 21.58
CA GLU B 187 -0.19 -27.93 22.65
C GLU B 187 0.97 -27.08 23.14
N GLN B 188 1.69 -26.45 22.20
CA GLN B 188 2.76 -25.54 22.56
C GLN B 188 2.21 -24.39 23.40
N TRP B 189 1.10 -23.82 22.92
CA TRP B 189 0.45 -22.71 23.58
C TRP B 189 0.13 -23.03 25.04
N LYS B 190 -0.52 -24.17 25.26
CA LYS B 190 -0.96 -24.55 26.60
C LYS B 190 0.16 -25.15 27.45
N SER B 191 1.33 -25.36 26.85
CA SER B 191 2.44 -26.03 27.55
C SER B 191 3.42 -25.04 28.17
N HIS B 192 3.14 -23.75 28.03
CA HIS B 192 3.97 -22.72 28.64
C HIS B 192 3.18 -21.89 29.62
N ARG B 193 3.88 -21.24 30.54
CA ARG B 193 3.24 -20.32 31.46
C ARG B 193 2.87 -19.03 30.73
N SER B 194 3.70 -18.65 29.75
CA SER B 194 3.44 -17.43 28.99
C SER B 194 4.27 -17.34 27.71
N TYR B 195 3.82 -16.47 26.80
CA TYR B 195 4.57 -16.11 25.61
C TYR B 195 4.72 -14.60 25.55
N SER B 196 5.84 -14.13 24.99
CA SER B 196 6.09 -12.69 24.92
C SER B 196 6.59 -12.24 23.55
N CYS B 197 6.16 -11.06 23.14
CA CYS B 197 6.69 -10.41 21.96
CA CYS B 197 6.70 -10.41 21.95
C CYS B 197 7.52 -9.20 22.40
N GLN B 198 8.79 -9.19 22.01
CA GLN B 198 9.70 -8.12 22.39
C GLN B 198 10.02 -7.26 21.19
N VAL B 199 9.64 -5.99 21.26
CA VAL B 199 9.82 -5.06 20.15
C VAL B 199 10.94 -4.09 20.50
N THR B 200 12.00 -4.13 19.70
CA THR B 200 13.16 -3.28 19.91
C THR B 200 13.15 -2.12 18.92
N HIS B 201 13.26 -0.92 19.44
CA HIS B 201 13.25 0.30 18.65
C HIS B 201 14.32 1.24 19.18
N GLU B 202 15.34 1.50 18.38
CA GLU B 202 16.44 2.37 18.77
C GLU B 202 17.06 1.93 20.10
N GLY B 203 17.33 0.64 20.24
CA GLY B 203 17.99 0.11 21.41
C GLY B 203 17.05 -0.21 22.56
N SER B 204 15.86 0.38 22.55
CA SER B 204 14.91 0.19 23.64
C SER B 204 13.89 -0.89 23.32
N THR B 205 13.75 -1.85 24.23
CA THR B 205 12.88 -3.01 24.03
C THR B 205 11.66 -2.95 24.94
N VAL B 206 10.48 -3.07 24.35
CA VAL B 206 9.24 -3.22 25.12
C VAL B 206 8.80 -4.67 25.03
N GLU B 207 8.20 -5.15 26.12
CA GLU B 207 7.72 -6.53 26.19
C GLU B 207 6.23 -6.57 26.48
N LYS B 208 5.49 -7.33 25.69
CA LYS B 208 4.10 -7.65 25.99
C LYS B 208 3.97 -9.16 26.12
N THR B 209 3.14 -9.58 27.07
CA THR B 209 3.04 -10.99 27.41
C THR B 209 1.58 -11.44 27.49
N VAL B 210 1.35 -12.69 27.10
CA VAL B 210 0.04 -13.33 27.22
C VAL B 210 0.21 -14.71 27.82
N ALA B 211 -0.87 -15.24 28.40
CA ALA B 211 -0.83 -16.55 29.06
C ALA B 211 -2.10 -17.34 28.78
N PRO B 212 -1.99 -18.68 28.63
CA PRO B 212 -3.16 -19.46 28.27
C PRO B 212 -4.13 -19.70 29.44
N THR B 213 -3.66 -19.44 30.66
CA THR B 213 -4.31 -19.95 31.86
C THR B 213 -5.79 -19.58 32.03
N GLU B 214 -6.18 -18.37 31.63
CA GLU B 214 -7.54 -17.88 31.88
C GLU B 214 -8.36 -17.70 30.60
N CYS B 215 -7.89 -18.27 29.49
CA CYS B 215 -8.56 -18.12 28.21
C CYS B 215 -9.54 -19.26 27.95
#